data_3ACK
#
_entry.id   3ACK
#
_cell.length_a   42.224
_cell.length_b   73.714
_cell.length_c   92.220
_cell.angle_alpha   90.00
_cell.angle_beta   90.00
_cell.angle_gamma   90.00
#
_symmetry.space_group_name_H-M   'P 21 21 21'
#
loop_
_entity.id
_entity.type
_entity.pdbx_description
1 polymer 'Proto-oncogene tyrosine-protein kinase LCK'
2 non-polymer 'SULFATE ION'
3 non-polymer 'DIMETHYL SULFOXIDE'
4 non-polymer 6-(5-methoxy-1-methyl-1H-indol-3-yl)-5H-pyrrolo[2,3-b]pyrazine
5 water water
#
_entity_poly.entity_id   1
_entity_poly.type   'polypeptide(L)'
_entity_poly.pdbx_seq_one_letter_code
;QTQKPQKPWWEDEWEVPRETLKLVERLGAGQFGEVWMGYYNGHTKVAVKSLKQGSMSPDAFLAEANLMKQLQHQRLVRLY
AVVTQEPIYIITEYMENGSLVDFLKTPSGIKLTINKLLDMAAQIAEGMAFIEERNYIHRDLRAANILVSDTLSCKIADFG
LARLIEDNE(PTR)TAREGAKFPIKWTAPEAINYGTFTIKSDVWSFGILLTEIVTHGRIPYPGMTNPEVIQNLERGYRMV
RPDNCPEELYQLMRLCWKERPEDRPTFDYLRSVLEDFFTATEGQYQPQP
;
_entity_poly.pdbx_strand_id   A
#
# COMPACT_ATOMS: atom_id res chain seq x y z
N LYS A 7 25.35 -5.10 -4.91
CA LYS A 7 26.13 -5.73 -6.01
C LYS A 7 26.04 -4.90 -7.30
N PRO A 8 27.10 -4.93 -8.12
CA PRO A 8 27.13 -4.20 -9.38
C PRO A 8 26.25 -4.86 -10.44
N TRP A 9 25.70 -4.05 -11.34
CA TRP A 9 24.70 -4.54 -12.29
C TRP A 9 25.15 -5.78 -13.06
N TRP A 10 26.44 -5.90 -13.34
CA TRP A 10 26.94 -7.03 -14.10
C TRP A 10 27.02 -8.29 -13.23
N GLU A 11 26.55 -8.16 -12.00
CA GLU A 11 26.64 -9.23 -11.03
C GLU A 11 25.30 -9.37 -10.30
N ASP A 12 24.43 -8.39 -10.51
CA ASP A 12 23.13 -8.36 -9.86
C ASP A 12 22.17 -9.35 -10.53
N GLU A 13 21.60 -10.25 -9.74
CA GLU A 13 20.66 -11.24 -10.27
C GLU A 13 19.33 -10.66 -10.76
N TRP A 14 19.02 -9.44 -10.34
CA TRP A 14 17.78 -8.79 -10.78
C TRP A 14 17.93 -8.03 -12.08
N GLU A 15 19.17 -7.75 -12.46
CA GLU A 15 19.44 -7.04 -13.71
C GLU A 15 19.12 -7.95 -14.90
N VAL A 16 18.31 -7.43 -15.82
CA VAL A 16 18.05 -8.13 -17.08
C VAL A 16 18.37 -7.25 -18.29
N PRO A 17 18.71 -7.88 -19.42
CA PRO A 17 18.84 -7.15 -20.68
C PRO A 17 17.51 -6.55 -21.07
N ARG A 18 17.51 -5.33 -21.61
CA ARG A 18 16.26 -4.65 -21.95
C ARG A 18 15.51 -5.33 -23.09
N GLU A 19 16.21 -6.18 -23.83
CA GLU A 19 15.61 -6.89 -24.95
C GLU A 19 14.60 -7.94 -24.51
N THR A 20 14.69 -8.37 -23.25
CA THR A 20 13.82 -9.42 -22.73
C THR A 20 12.40 -8.88 -22.47
N LEU A 21 12.23 -7.57 -22.59
CA LEU A 21 10.96 -6.93 -22.25
C LEU A 21 10.24 -6.36 -23.46
N LYS A 22 8.93 -6.52 -23.50
CA LYS A 22 8.11 -5.85 -24.50
C LYS A 22 6.94 -5.15 -23.85
N LEU A 23 6.93 -3.83 -23.93
CA LEU A 23 5.85 -3.03 -23.35
C LEU A 23 4.66 -3.02 -24.30
N VAL A 24 3.53 -3.54 -23.83
CA VAL A 24 2.37 -3.75 -24.68
C VAL A 24 1.30 -2.67 -24.49
N GLU A 25 0.98 -2.35 -23.24
CA GLU A 25 -0.11 -1.44 -22.93
C GLU A 25 0.23 -0.48 -21.79
N ARG A 26 0.14 0.82 -22.05
CA ARG A 26 0.42 1.80 -21.03
C ARG A 26 -0.76 1.91 -20.07
N LEU A 27 -0.50 1.65 -18.79
CA LEU A 27 -1.55 1.68 -17.78
C LEU A 27 -1.65 3.04 -17.07
N GLY A 28 -0.55 3.79 -17.10
CA GLY A 28 -0.49 5.07 -16.39
C GLY A 28 0.69 5.94 -16.80
N ALA A 29 0.50 7.25 -16.71
CA ALA A 29 1.57 8.20 -16.94
C ALA A 29 1.47 9.34 -15.94
N GLY A 30 2.62 9.77 -15.44
CA GLY A 30 2.67 10.84 -14.44
C GLY A 30 3.92 11.67 -14.56
N GLN A 31 4.13 12.55 -13.59
CA GLN A 31 5.25 13.47 -13.58
C GLN A 31 6.60 12.74 -13.70
N PHE A 32 6.69 11.56 -13.07
CA PHE A 32 7.97 10.90 -12.86
C PHE A 32 8.18 9.66 -13.74
N GLY A 33 7.24 9.39 -14.63
CA GLY A 33 7.37 8.26 -15.55
C GLY A 33 6.08 7.53 -15.86
N GLU A 34 6.21 6.34 -16.44
CA GLU A 34 5.06 5.57 -16.89
C GLU A 34 4.99 4.19 -16.26
N VAL A 35 3.82 3.55 -16.40
CA VAL A 35 3.62 2.18 -15.95
C VAL A 35 2.95 1.37 -17.05
N TRP A 36 3.63 0.30 -17.49
CA TRP A 36 3.16 -0.50 -18.61
C TRP A 36 2.85 -1.94 -18.21
N MET A 37 1.94 -2.58 -18.94
CA MET A 37 1.84 -4.04 -18.94
C MET A 37 2.68 -4.54 -20.10
N GLY A 38 3.48 -5.57 -19.86
CA GLY A 38 4.35 -6.10 -20.88
C GLY A 38 4.63 -7.58 -20.67
N TYR A 39 5.55 -8.11 -21.47
CA TYR A 39 5.93 -9.51 -21.36
C TYR A 39 7.44 -9.64 -21.20
N TYR A 40 7.84 -10.54 -20.31
CA TYR A 40 9.24 -10.90 -20.19
C TYR A 40 9.49 -12.21 -20.94
N ASN A 41 10.47 -12.19 -21.83
CA ASN A 41 10.78 -13.35 -22.66
C ASN A 41 9.55 -13.93 -23.35
N GLY A 42 8.69 -13.04 -23.84
CA GLY A 42 7.56 -13.46 -24.66
C GLY A 42 6.33 -13.92 -23.90
N HIS A 43 6.52 -14.60 -22.79
CA HIS A 43 5.44 -15.35 -22.17
C HIS A 43 4.92 -14.87 -20.82
N THR A 44 5.77 -14.15 -20.07
CA THR A 44 5.46 -13.83 -18.69
C THR A 44 4.97 -12.40 -18.49
N LYS A 45 3.67 -12.24 -18.27
CA LYS A 45 3.11 -10.92 -17.98
C LYS A 45 3.84 -10.26 -16.82
N VAL A 46 4.35 -9.06 -17.06
CA VAL A 46 4.96 -8.26 -16.00
C VAL A 46 4.44 -6.83 -16.04
N ALA A 47 4.71 -6.08 -14.98
CA ALA A 47 4.43 -4.65 -14.97
C ALA A 47 5.74 -3.86 -15.02
N VAL A 48 5.81 -2.88 -15.91
CA VAL A 48 7.03 -2.11 -16.07
C VAL A 48 6.82 -0.65 -15.68
N LYS A 49 7.57 -0.21 -14.68
CA LYS A 49 7.58 1.19 -14.27
C LYS A 49 8.86 1.82 -14.79
N SER A 50 8.72 2.79 -15.71
CA SER A 50 9.88 3.42 -16.32
C SER A 50 10.06 4.84 -15.81
N LEU A 51 11.30 5.21 -15.52
CA LEU A 51 11.60 6.52 -14.98
C LEU A 51 11.76 7.53 -16.10
N LYS A 52 11.03 8.64 -16.00
CA LYS A 52 11.16 9.76 -16.92
C LYS A 52 12.51 10.46 -16.70
N GLN A 53 13.46 10.18 -17.59
CA GLN A 53 14.79 10.75 -17.50
C GLN A 53 14.71 12.22 -17.11
N GLY A 54 15.31 12.56 -15.96
CA GLY A 54 15.40 13.95 -15.52
C GLY A 54 14.34 14.38 -14.53
N SER A 55 13.22 13.67 -14.51
CA SER A 55 12.11 14.01 -13.61
C SER A 55 12.50 13.90 -12.14
N MET A 56 13.42 13.00 -11.85
CA MET A 56 13.86 12.74 -10.48
C MET A 56 15.15 11.92 -10.54
N SER A 57 15.72 11.65 -9.37
CA SER A 57 17.02 10.99 -9.29
C SER A 57 16.94 9.50 -9.58
N PRO A 58 17.77 9.02 -10.53
CA PRO A 58 17.88 7.59 -10.78
C PRO A 58 18.09 6.81 -9.48
N ASP A 59 18.94 7.35 -8.60
CA ASP A 59 19.23 6.72 -7.32
C ASP A 59 18.00 6.68 -6.43
N ALA A 60 17.20 7.76 -6.45
CA ALA A 60 15.97 7.82 -5.67
C ALA A 60 14.95 6.84 -6.22
N PHE A 61 14.82 6.82 -7.55
CA PHE A 61 13.96 5.89 -8.24
C PHE A 61 14.27 4.44 -7.88
N LEU A 62 15.55 4.07 -8.01
CA LEU A 62 15.97 2.69 -7.81
C LEU A 62 15.91 2.23 -6.36
N ALA A 63 15.94 3.20 -5.44
CA ALA A 63 15.88 2.87 -4.02
C ALA A 63 14.64 2.03 -3.69
N GLU A 64 13.59 2.20 -4.48
CA GLU A 64 12.36 1.44 -4.31
C GLU A 64 12.61 -0.04 -4.63
N ALA A 65 13.39 -0.29 -5.67
CA ALA A 65 13.74 -1.65 -6.07
C ALA A 65 14.61 -2.32 -5.02
N ASN A 66 15.70 -1.65 -4.64
CA ASN A 66 16.62 -2.19 -3.64
C ASN A 66 15.88 -2.59 -2.37
N LEU A 67 14.83 -1.84 -2.04
CA LEU A 67 14.06 -2.13 -0.85
C LEU A 67 13.20 -3.38 -1.03
N MET A 68 12.71 -3.56 -2.25
CA MET A 68 11.90 -4.73 -2.58
C MET A 68 12.73 -6.02 -2.61
N LYS A 69 14.04 -5.89 -2.78
CA LYS A 69 14.94 -7.03 -2.66
C LYS A 69 14.92 -7.59 -1.24
N GLN A 70 14.66 -6.72 -0.27
CA GLN A 70 14.72 -7.07 1.14
C GLN A 70 13.36 -7.55 1.65
N LEU A 71 12.30 -7.15 0.96
CA LEU A 71 10.94 -7.45 1.40
C LEU A 71 10.25 -8.38 0.43
N GLN A 72 10.50 -9.68 0.56
CA GLN A 72 9.87 -10.67 -0.30
C GLN A 72 8.91 -11.54 0.49
N HIS A 73 7.70 -11.67 -0.03
CA HIS A 73 6.65 -12.44 0.63
C HIS A 73 5.51 -12.58 -0.35
N GLN A 74 4.70 -13.63 -0.18
CA GLN A 74 3.56 -13.86 -1.07
C GLN A 74 2.55 -12.71 -1.05
N ARG A 75 2.45 -12.02 0.07
CA ARG A 75 1.46 -10.95 0.24
C ARG A 75 1.97 -9.56 -0.19
N LEU A 76 3.25 -9.48 -0.54
CA LEU A 76 3.83 -8.26 -1.08
C LEU A 76 4.14 -8.42 -2.56
N VAL A 77 3.82 -7.38 -3.35
CA VAL A 77 4.11 -7.36 -4.77
C VAL A 77 5.61 -7.54 -5.00
N ARG A 78 5.96 -8.50 -5.86
CA ARG A 78 7.33 -8.98 -5.98
C ARG A 78 8.16 -8.24 -7.04
N LEU A 79 9.37 -7.87 -6.68
CA LEU A 79 10.32 -7.36 -7.66
C LEU A 79 10.70 -8.49 -8.62
N TYR A 80 10.74 -8.18 -9.90
CA TYR A 80 10.99 -9.17 -10.94
C TYR A 80 12.37 -8.96 -11.56
N ALA A 81 12.81 -7.71 -11.62
CA ALA A 81 14.05 -7.36 -12.32
C ALA A 81 14.21 -5.85 -12.47
N VAL A 82 15.41 -5.43 -12.83
CA VAL A 82 15.69 -4.02 -13.08
C VAL A 82 16.52 -3.86 -14.34
N VAL A 83 16.30 -2.74 -15.04
CA VAL A 83 17.22 -2.32 -16.09
C VAL A 83 17.84 -1.01 -15.62
N THR A 84 19.11 -1.06 -15.22
CA THR A 84 19.75 0.10 -14.59
C THR A 84 20.47 1.04 -15.56
N GLN A 85 20.09 0.99 -16.84
CA GLN A 85 20.54 1.98 -17.81
C GLN A 85 19.35 2.76 -18.35
N GLU A 86 19.55 4.04 -18.65
CA GLU A 86 18.43 4.93 -18.98
C GLU A 86 17.78 4.64 -20.33
N PRO A 87 16.43 4.63 -20.37
CA PRO A 87 15.58 4.85 -19.20
C PRO A 87 15.53 3.66 -18.23
N ILE A 88 15.65 3.96 -16.94
CA ILE A 88 15.63 2.96 -15.87
C ILE A 88 14.27 2.28 -15.81
N TYR A 89 14.28 0.95 -15.73
CA TYR A 89 13.05 0.18 -15.55
C TYR A 89 13.05 -0.52 -14.20
N ILE A 90 11.89 -0.55 -13.56
CA ILE A 90 11.61 -1.50 -12.48
C ILE A 90 10.50 -2.44 -12.94
N ILE A 91 10.81 -3.74 -12.97
CA ILE A 91 9.83 -4.73 -13.44
C ILE A 91 9.28 -5.52 -12.25
N THR A 92 7.96 -5.62 -12.16
CA THR A 92 7.33 -6.28 -11.01
C THR A 92 6.25 -7.29 -11.41
N GLU A 93 5.93 -8.18 -10.47
CA GLU A 93 4.76 -9.05 -10.55
C GLU A 93 3.56 -8.27 -11.08
N TYR A 94 2.88 -8.84 -12.08
CA TYR A 94 1.71 -8.19 -12.65
C TYR A 94 0.42 -8.56 -11.90
N MET A 95 -0.31 -7.54 -11.47
CA MET A 95 -1.60 -7.76 -10.81
C MET A 95 -2.75 -7.46 -11.76
N GLU A 96 -3.47 -8.51 -12.16
CA GLU A 96 -4.45 -8.45 -13.23
C GLU A 96 -5.62 -7.53 -12.93
N ASN A 97 -5.93 -7.36 -11.65
CA ASN A 97 -7.11 -6.58 -11.30
C ASN A 97 -6.79 -5.18 -10.80
N GLY A 98 -5.51 -4.81 -10.85
CA GLY A 98 -5.09 -3.44 -10.59
C GLY A 98 -5.28 -2.98 -9.16
N SER A 99 -5.54 -1.68 -9.00
CA SER A 99 -5.66 -1.07 -7.68
C SER A 99 -6.96 -1.50 -6.98
N LEU A 100 -6.87 -1.75 -5.67
CA LEU A 100 -8.03 -2.12 -4.87
C LEU A 100 -9.08 -1.01 -4.92
N VAL A 101 -8.64 0.24 -4.86
CA VAL A 101 -9.55 1.36 -4.87
C VAL A 101 -10.34 1.41 -6.16
N ASP A 102 -9.68 1.05 -7.26
CA ASP A 102 -10.35 0.98 -8.55
C ASP A 102 -11.19 -0.28 -8.68
N PHE A 103 -10.64 -1.41 -8.26
CA PHE A 103 -11.34 -2.69 -8.44
C PHE A 103 -12.68 -2.71 -7.73
N LEU A 104 -12.70 -2.22 -6.49
CA LEU A 104 -13.91 -2.24 -5.69
C LEU A 104 -15.07 -1.54 -6.40
N LYS A 105 -14.74 -0.73 -7.40
CA LYS A 105 -15.72 0.08 -8.12
C LYS A 105 -16.24 -0.57 -9.40
N THR A 106 -15.59 -1.63 -9.84
CA THR A 106 -16.02 -2.33 -11.06
C THR A 106 -17.26 -3.17 -10.78
N PRO A 107 -17.93 -3.67 -11.84
CA PRO A 107 -19.06 -4.58 -11.69
C PRO A 107 -18.76 -5.78 -10.78
N SER A 108 -17.60 -6.40 -10.96
CA SER A 108 -17.18 -7.53 -10.12
C SER A 108 -17.00 -7.07 -8.68
N GLY A 109 -16.20 -6.02 -8.50
CA GLY A 109 -15.95 -5.45 -7.19
C GLY A 109 -17.24 -5.17 -6.45
N ILE A 110 -18.20 -4.62 -7.19
CA ILE A 110 -19.48 -4.21 -6.62
C ILE A 110 -20.32 -5.35 -6.05
N LYS A 111 -20.09 -6.57 -6.54
CA LYS A 111 -20.92 -7.71 -6.16
C LYS A 111 -20.33 -8.53 -5.01
N LEU A 112 -19.19 -8.10 -4.48
CA LEU A 112 -18.53 -8.80 -3.39
C LEU A 112 -19.33 -8.77 -2.10
N THR A 113 -19.45 -9.91 -1.45
CA THR A 113 -20.06 -10.00 -0.13
C THR A 113 -19.15 -9.34 0.91
N ILE A 114 -19.74 -8.87 1.99
CA ILE A 114 -18.95 -8.35 3.12
C ILE A 114 -17.96 -9.41 3.60
N ASN A 115 -18.29 -10.69 3.37
CA ASN A 115 -17.40 -11.79 3.69
C ASN A 115 -16.08 -11.72 2.93
N LYS A 116 -16.18 -11.58 1.60
CA LYS A 116 -15.00 -11.48 0.76
C LYS A 116 -14.21 -10.20 1.06
N LEU A 117 -14.92 -9.14 1.43
CA LEU A 117 -14.28 -7.90 1.82
C LEU A 117 -13.41 -8.08 3.06
N LEU A 118 -13.92 -8.83 4.04
CA LEU A 118 -13.16 -9.11 5.25
C LEU A 118 -11.99 -10.04 4.94
N ASP A 119 -12.23 -11.02 4.09
CA ASP A 119 -11.16 -11.87 3.54
C ASP A 119 -10.02 -10.99 3.01
N MET A 120 -10.33 -10.11 2.06
CA MET A 120 -9.34 -9.18 1.52
C MET A 120 -8.63 -8.37 2.61
N ALA A 121 -9.41 -7.82 3.54
CA ALA A 121 -8.86 -7.01 4.63
C ALA A 121 -7.86 -7.82 5.43
N ALA A 122 -8.15 -9.10 5.61
CA ALA A 122 -7.25 -10.00 6.33
C ALA A 122 -5.95 -10.26 5.58
N GLN A 123 -6.02 -10.35 4.25
CA GLN A 123 -4.82 -10.59 3.44
C GLN A 123 -3.86 -9.40 3.51
N ILE A 124 -4.42 -8.19 3.47
CA ILE A 124 -3.63 -6.96 3.58
C ILE A 124 -2.92 -6.91 4.93
N ALA A 125 -3.65 -7.20 6.00
CA ALA A 125 -3.09 -7.16 7.35
C ALA A 125 -2.01 -8.23 7.51
N GLU A 126 -2.15 -9.32 6.78
CA GLU A 126 -1.17 -10.40 6.80
C GLU A 126 0.12 -9.92 6.14
N GLY A 127 -0.01 -9.21 5.03
CA GLY A 127 1.13 -8.59 4.38
C GLY A 127 1.81 -7.56 5.27
N MET A 128 1.02 -6.75 5.97
CA MET A 128 1.58 -5.75 6.86
C MET A 128 2.24 -6.38 8.09
N ALA A 129 1.78 -7.58 8.47
CA ALA A 129 2.38 -8.28 9.60
C ALA A 129 3.80 -8.73 9.28
N PHE A 130 4.02 -9.15 8.03
CA PHE A 130 5.36 -9.50 7.56
C PHE A 130 6.27 -8.28 7.60
N ILE A 131 5.75 -7.15 7.11
CA ILE A 131 6.50 -5.90 7.11
C ILE A 131 6.83 -5.46 8.54
N GLU A 132 5.84 -5.57 9.43
CA GLU A 132 6.00 -5.22 10.83
C GLU A 132 7.09 -6.07 11.47
N GLU A 133 7.09 -7.36 11.13
CA GLU A 133 8.01 -8.31 11.71
C GLU A 133 9.45 -8.15 11.19
N ARG A 134 9.57 -7.65 9.96
CA ARG A 134 10.88 -7.43 9.34
C ARG A 134 11.48 -6.09 9.75
N ASN A 135 10.77 -5.36 10.60
CA ASN A 135 11.22 -4.05 11.06
C ASN A 135 11.19 -2.97 9.97
N TYR A 136 10.23 -3.10 9.06
CA TYR A 136 9.95 -2.05 8.10
C TYR A 136 8.65 -1.29 8.43
N ILE A 137 8.53 -0.10 7.84
CA ILE A 137 7.27 0.63 7.83
C ILE A 137 6.91 0.93 6.39
N HIS A 138 5.63 1.16 6.13
CA HIS A 138 5.19 1.45 4.77
C HIS A 138 4.98 2.96 4.52
N ARG A 139 4.27 3.62 5.42
CA ARG A 139 4.11 5.08 5.37
C ARG A 139 3.14 5.59 4.31
N ASP A 140 2.72 4.71 3.39
CA ASP A 140 1.79 5.09 2.32
C ASP A 140 0.68 4.05 2.16
N LEU A 141 0.22 3.50 3.28
CA LEU A 141 -0.76 2.41 3.25
C LEU A 141 -2.18 2.94 3.03
N ARG A 142 -2.85 2.42 2.00
CA ARG A 142 -4.14 2.93 1.57
C ARG A 142 -4.64 2.09 0.39
N ALA A 143 -5.96 2.05 0.19
CA ALA A 143 -6.55 1.22 -0.85
C ALA A 143 -5.87 1.37 -2.22
N ALA A 144 -5.41 2.58 -2.54
CA ALA A 144 -4.76 2.83 -3.83
C ALA A 144 -3.45 2.07 -3.98
N ASN A 145 -2.85 1.68 -2.86
CA ASN A 145 -1.57 0.98 -2.88
C ASN A 145 -1.68 -0.50 -2.52
N ILE A 146 -2.88 -1.04 -2.65
CA ILE A 146 -3.11 -2.47 -2.58
C ILE A 146 -3.51 -2.96 -3.98
N LEU A 147 -2.78 -3.92 -4.52
CA LEU A 147 -3.09 -4.43 -5.85
C LEU A 147 -3.84 -5.76 -5.74
N VAL A 148 -4.62 -6.08 -6.76
CA VAL A 148 -5.51 -7.24 -6.71
C VAL A 148 -5.24 -8.19 -7.87
N SER A 149 -5.06 -9.47 -7.56
CA SER A 149 -4.76 -10.47 -8.57
C SER A 149 -6.00 -10.91 -9.31
N ASP A 150 -5.80 -11.78 -10.30
CA ASP A 150 -6.92 -12.31 -11.07
C ASP A 150 -7.71 -13.35 -10.29
N THR A 151 -7.17 -13.79 -9.15
CA THR A 151 -7.88 -14.75 -8.29
C THR A 151 -8.49 -14.03 -7.09
N LEU A 152 -8.54 -12.70 -7.17
CA LEU A 152 -9.12 -11.87 -6.12
C LEU A 152 -8.37 -12.00 -4.80
N SER A 153 -7.04 -12.00 -4.88
CA SER A 153 -6.22 -11.92 -3.68
C SER A 153 -5.43 -10.60 -3.72
N CYS A 154 -5.02 -10.12 -2.55
CA CYS A 154 -4.51 -8.75 -2.42
C CYS A 154 -3.04 -8.76 -2.04
N LYS A 155 -2.32 -7.72 -2.46
CA LYS A 155 -0.90 -7.58 -2.13
C LYS A 155 -0.50 -6.12 -1.88
N ILE A 156 0.39 -5.91 -0.91
CA ILE A 156 0.94 -4.58 -0.66
C ILE A 156 1.78 -4.13 -1.85
N ALA A 157 1.68 -2.85 -2.20
CA ALA A 157 2.50 -2.29 -3.29
C ALA A 157 3.02 -0.90 -2.93
N ASP A 158 3.81 -0.32 -3.82
CA ASP A 158 4.36 1.03 -3.64
C ASP A 158 5.22 1.13 -2.39
N PHE A 159 6.50 0.81 -2.54
CA PHE A 159 7.44 0.87 -1.44
C PHE A 159 8.35 2.10 -1.54
N GLY A 160 7.89 3.11 -2.27
CA GLY A 160 8.65 4.34 -2.42
C GLY A 160 9.05 4.97 -1.10
N LEU A 161 8.10 5.03 -0.16
CA LEU A 161 8.33 5.71 1.11
C LEU A 161 8.69 4.74 2.24
N ALA A 162 8.68 3.45 1.93
CA ALA A 162 8.95 2.40 2.91
C ALA A 162 10.36 2.50 3.49
N ARG A 163 10.49 2.27 4.79
CA ARG A 163 11.77 2.44 5.47
C ARG A 163 12.10 1.28 6.39
N LEU A 164 13.40 1.03 6.58
CA LEU A 164 13.88 0.10 7.61
C LEU A 164 14.08 0.86 8.92
N ILE A 165 13.61 0.28 10.01
CA ILE A 165 13.73 0.92 11.31
C ILE A 165 14.88 0.35 12.14
N GLU A 166 16.04 1.00 12.06
CA GLU A 166 17.16 0.69 12.94
C GLU A 166 16.69 0.92 14.38
N ASP A 167 16.43 2.18 14.70
CA ASP A 167 15.87 2.57 15.98
C ASP A 167 14.38 2.94 15.83
N ASN A 168 13.54 2.31 16.65
CA ASN A 168 12.13 2.68 16.80
C ASN A 168 11.49 3.53 15.69
N GLU A 169 11.93 4.78 15.58
CA GLU A 169 11.26 5.79 14.74
C GLU A 169 12.06 6.17 13.50
N THR A 171 12.03 9.64 11.33
CA THR A 171 11.55 11.02 11.32
C THR A 171 11.79 11.64 9.94
N ALA A 172 10.75 12.19 9.34
CA ALA A 172 10.87 12.80 8.02
C ALA A 172 11.35 14.24 8.12
N ARG A 173 11.40 14.92 6.99
CA ARG A 173 11.78 16.33 6.93
C ARG A 173 10.69 17.21 7.56
N GLU A 174 11.07 18.41 7.99
CA GLU A 174 10.11 19.36 8.56
C GLU A 174 9.23 20.01 7.49
N GLY A 175 9.64 19.88 6.23
CA GLY A 175 8.84 20.40 5.12
C GLY A 175 8.14 19.31 4.33
N ALA A 176 8.16 18.10 4.88
CA ALA A 176 7.57 16.94 4.22
C ALA A 176 6.07 16.87 4.47
N LYS A 177 5.31 16.59 3.42
CA LYS A 177 3.86 16.63 3.46
C LYS A 177 3.21 15.28 3.05
N PHE A 178 2.21 14.86 3.81
CA PHE A 178 1.58 13.55 3.60
C PHE A 178 0.06 13.66 3.51
N PRO A 179 -0.58 12.71 2.82
CA PRO A 179 -2.03 12.69 2.71
C PRO A 179 -2.63 12.75 4.10
N ILE A 180 -3.44 13.76 4.38
CA ILE A 180 -3.89 14.02 5.75
C ILE A 180 -4.96 13.07 6.27
N LYS A 181 -5.81 12.55 5.39
CA LYS A 181 -6.88 11.66 5.82
C LYS A 181 -6.38 10.27 6.21
N TRP A 182 -5.30 9.82 5.58
CA TRP A 182 -4.78 8.47 5.81
C TRP A 182 -3.66 8.42 6.86
N THR A 183 -3.00 9.56 7.08
CA THR A 183 -1.80 9.58 7.90
C THR A 183 -2.07 9.82 9.39
N ALA A 184 -1.37 9.06 10.23
CA ALA A 184 -1.52 9.17 11.68
C ALA A 184 -1.17 10.57 12.18
N PRO A 185 -1.87 11.04 13.23
CA PRO A 185 -1.67 12.38 13.78
C PRO A 185 -0.21 12.71 14.11
N GLU A 186 0.49 11.79 14.78
CA GLU A 186 1.87 12.02 15.14
C GLU A 186 2.76 12.21 13.91
N ALA A 187 2.46 11.49 12.84
CA ALA A 187 3.28 11.59 11.63
C ALA A 187 3.04 12.90 10.89
N ILE A 188 1.78 13.35 10.88
CA ILE A 188 1.43 14.67 10.37
C ILE A 188 2.06 15.77 11.23
N ASN A 189 1.84 15.69 12.54
CA ASN A 189 2.29 16.73 13.46
C ASN A 189 3.80 16.81 13.70
N TYR A 190 4.46 15.66 13.86
CA TYR A 190 5.87 15.63 14.24
C TYR A 190 6.78 15.04 13.18
N GLY A 191 6.18 14.48 12.13
CA GLY A 191 6.96 13.82 11.08
C GLY A 191 7.52 12.48 11.53
N THR A 192 7.12 12.03 12.72
CA THR A 192 7.54 10.73 13.26
C THR A 192 6.61 9.58 12.82
N PHE A 193 7.19 8.59 12.14
CA PHE A 193 6.45 7.42 11.69
C PHE A 193 6.93 6.16 12.41
N THR A 194 6.00 5.28 12.77
CA THR A 194 6.33 3.94 13.25
C THR A 194 5.37 2.93 12.62
N ILE A 195 5.59 1.65 12.88
CA ILE A 195 4.65 0.64 12.42
C ILE A 195 3.23 0.99 12.91
N LYS A 196 3.17 1.71 14.03
CA LYS A 196 1.89 2.09 14.65
C LYS A 196 1.15 3.16 13.84
N SER A 197 1.90 3.99 13.13
CA SER A 197 1.28 4.97 12.27
C SER A 197 0.77 4.35 10.96
N ASP A 198 1.35 3.21 10.58
CA ASP A 198 0.78 2.38 9.52
C ASP A 198 -0.53 1.76 9.99
N VAL A 199 -0.57 1.36 11.25
CA VAL A 199 -1.79 0.76 11.80
C VAL A 199 -2.97 1.71 11.65
N TRP A 200 -2.72 2.99 11.93
CA TRP A 200 -3.74 4.02 11.77
C TRP A 200 -4.23 4.08 10.33
N SER A 201 -3.30 4.03 9.38
CA SER A 201 -3.64 4.05 7.97
C SER A 201 -4.47 2.83 7.62
N PHE A 202 -4.11 1.69 8.17
CA PHE A 202 -4.88 0.48 7.96
C PHE A 202 -6.34 0.71 8.36
N GLY A 203 -6.54 1.34 9.51
CA GLY A 203 -7.88 1.70 9.97
C GLY A 203 -8.65 2.47 8.90
N ILE A 204 -8.01 3.48 8.31
CA ILE A 204 -8.65 4.28 7.27
C ILE A 204 -8.95 3.39 6.06
N LEU A 205 -7.99 2.53 5.72
CA LEU A 205 -8.12 1.64 4.57
C LEU A 205 -9.35 0.76 4.70
N LEU A 206 -9.60 0.28 5.91
CA LEU A 206 -10.81 -0.49 6.21
C LEU A 206 -12.09 0.25 5.80
N THR A 207 -12.11 1.57 5.89
CA THR A 207 -13.29 2.34 5.50
C THR A 207 -13.43 2.38 3.98
N GLU A 208 -12.30 2.41 3.28
CA GLU A 208 -12.28 2.32 1.82
C GLU A 208 -12.80 0.98 1.32
N ILE A 209 -12.43 -0.09 2.04
CA ILE A 209 -12.84 -1.43 1.65
C ILE A 209 -14.35 -1.60 1.78
N VAL A 210 -14.89 -1.15 2.91
CA VAL A 210 -16.30 -1.35 3.22
C VAL A 210 -17.21 -0.39 2.46
N THR A 211 -16.67 0.76 2.06
CA THR A 211 -17.45 1.76 1.32
C THR A 211 -17.16 1.67 -0.17
N HIS A 212 -16.39 0.65 -0.55
CA HIS A 212 -16.08 0.38 -1.95
C HIS A 212 -15.26 1.49 -2.60
N GLY A 213 -14.33 2.05 -1.84
CA GLY A 213 -13.35 2.98 -2.38
C GLY A 213 -13.74 4.44 -2.31
N ARG A 214 -14.73 4.75 -1.48
CA ARG A 214 -15.14 6.13 -1.25
C ARG A 214 -14.08 6.87 -0.43
N ILE A 215 -13.94 8.16 -0.68
CA ILE A 215 -12.98 9.01 0.03
C ILE A 215 -13.31 9.11 1.52
N PRO A 216 -12.30 8.93 2.40
CA PRO A 216 -12.52 8.92 3.84
C PRO A 216 -13.11 10.23 4.38
N TYR A 217 -13.75 10.15 5.54
CA TYR A 217 -14.35 11.32 6.17
C TYR A 217 -15.26 12.07 5.20
N PRO A 218 -16.34 11.41 4.75
CA PRO A 218 -17.20 11.98 3.71
C PRO A 218 -17.58 13.44 3.96
N GLY A 219 -17.27 14.29 3.00
CA GLY A 219 -17.73 15.68 3.02
C GLY A 219 -16.99 16.57 4.00
N MET A 220 -15.78 16.18 4.37
CA MET A 220 -14.97 16.98 5.28
C MET A 220 -13.65 17.38 4.64
N THR A 221 -13.29 18.66 4.82
CA THR A 221 -11.96 19.14 4.45
C THR A 221 -10.92 18.64 5.45
N ASN A 222 -9.66 18.72 5.06
CA ASN A 222 -8.56 18.37 5.96
C ASN A 222 -8.58 19.10 7.31
N PRO A 223 -8.72 20.44 7.29
CA PRO A 223 -8.74 21.15 8.57
C PRO A 223 -9.87 20.65 9.48
N GLU A 224 -11.03 20.38 8.91
CA GLU A 224 -12.13 19.82 9.68
C GLU A 224 -11.77 18.46 10.25
N VAL A 225 -11.01 17.68 9.49
CA VAL A 225 -10.60 16.35 9.92
C VAL A 225 -9.60 16.42 11.07
N ILE A 226 -8.57 17.23 10.89
CA ILE A 226 -7.59 17.44 11.94
C ILE A 226 -8.27 17.95 13.22
N GLN A 227 -9.25 18.83 13.06
CA GLN A 227 -9.95 19.42 14.20
C GLN A 227 -10.87 18.43 14.92
N ASN A 228 -11.65 17.66 14.17
CA ASN A 228 -12.48 16.63 14.76
C ASN A 228 -11.68 15.61 15.58
N LEU A 229 -10.52 15.23 15.05
CA LEU A 229 -9.67 14.27 15.74
C LEU A 229 -9.14 14.83 17.06
N GLU A 230 -8.74 16.08 17.05
CA GLU A 230 -8.20 16.71 18.25
C GLU A 230 -9.24 16.76 19.37
N ARG A 231 -10.51 16.83 19.00
CA ARG A 231 -11.61 16.83 19.97
C ARG A 231 -11.80 15.46 20.60
N GLY A 232 -11.35 14.42 19.90
CA GLY A 232 -11.60 13.05 20.34
C GLY A 232 -12.56 12.29 19.44
N TYR A 233 -13.11 12.97 18.43
CA TYR A 233 -13.93 12.33 17.42
C TYR A 233 -13.08 11.45 16.51
N ARG A 234 -13.70 10.44 15.93
CA ARG A 234 -13.11 9.68 14.83
C ARG A 234 -14.11 9.66 13.69
N MET A 235 -13.78 8.95 12.62
CA MET A 235 -14.64 8.96 11.45
C MET A 235 -16.01 8.39 11.77
N VAL A 236 -17.04 9.08 11.33
CA VAL A 236 -18.42 8.65 11.48
C VAL A 236 -18.58 7.27 10.87
N ARG A 237 -19.27 6.37 11.58
CA ARG A 237 -19.55 5.05 11.05
C ARG A 237 -19.92 5.13 9.57
N PRO A 238 -19.13 4.49 8.70
CA PRO A 238 -19.47 4.38 7.29
C PRO A 238 -20.80 3.63 7.09
N ASP A 239 -21.49 3.93 6.00
CA ASP A 239 -22.74 3.26 5.68
C ASP A 239 -22.53 1.78 5.43
N ASN A 240 -23.40 0.95 5.99
CA ASN A 240 -23.34 -0.49 5.77
C ASN A 240 -22.14 -1.16 6.43
N CYS A 241 -21.57 -0.51 7.43
CA CYS A 241 -20.38 -1.02 8.11
C CYS A 241 -20.75 -1.90 9.30
N PRO A 242 -20.30 -3.16 9.29
CA PRO A 242 -20.52 -3.99 10.47
C PRO A 242 -19.91 -3.32 11.69
N GLU A 243 -20.66 -3.29 12.79
CA GLU A 243 -20.18 -2.62 14.00
C GLU A 243 -18.88 -3.21 14.53
N GLU A 244 -18.68 -4.51 14.29
CA GLU A 244 -17.43 -5.18 14.65
C GLU A 244 -16.23 -4.57 13.94
N LEU A 245 -16.36 -4.41 12.62
CA LEU A 245 -15.31 -3.82 11.81
C LEU A 245 -15.04 -2.38 12.23
N TYR A 246 -16.12 -1.66 12.55
CA TYR A 246 -15.98 -0.27 12.97
C TYR A 246 -15.22 -0.17 14.28
N GLN A 247 -15.53 -1.07 15.21
CA GLN A 247 -14.82 -1.10 16.48
C GLN A 247 -13.37 -1.53 16.31
N LEU A 248 -13.10 -2.25 15.22
CA LEU A 248 -11.73 -2.62 14.88
C LEU A 248 -10.98 -1.43 14.32
N MET A 249 -11.65 -0.64 13.48
CA MET A 249 -11.09 0.60 12.99
C MET A 249 -10.70 1.50 14.17
N ARG A 250 -11.55 1.51 15.20
CA ARG A 250 -11.32 2.38 16.36
C ARG A 250 -10.05 2.06 17.14
N LEU A 251 -9.77 0.77 17.33
CA LEU A 251 -8.48 0.34 17.91
C LEU A 251 -7.32 0.90 17.08
N CYS A 252 -7.47 0.87 15.76
CA CYS A 252 -6.45 1.42 14.88
C CYS A 252 -6.25 2.92 15.09
N TRP A 253 -7.30 3.59 15.55
CA TRP A 253 -7.28 5.05 15.67
C TRP A 253 -7.09 5.55 17.11
N LYS A 254 -6.60 4.67 17.97
CA LYS A 254 -6.28 5.05 19.35
C LYS A 254 -5.29 6.21 19.42
N GLU A 255 -5.47 7.06 20.42
CA GLU A 255 -4.70 8.30 20.54
C GLU A 255 -3.21 8.02 20.64
N ARG A 256 -2.84 7.12 21.53
CA ARG A 256 -1.44 6.76 21.70
C ARG A 256 -1.05 5.61 20.78
N PRO A 257 0.01 5.83 19.98
CA PRO A 257 0.59 4.83 19.09
C PRO A 257 0.73 3.46 19.75
N GLU A 258 1.34 3.41 20.92
CA GLU A 258 1.59 2.12 21.58
C GLU A 258 0.32 1.39 22.00
N ASP A 259 -0.81 2.09 22.00
CA ASP A 259 -2.09 1.49 22.35
C ASP A 259 -2.76 0.84 21.14
N ARG A 260 -2.31 1.21 19.95
CA ARG A 260 -2.85 0.64 18.74
C ARG A 260 -2.37 -0.81 18.61
N PRO A 261 -3.24 -1.70 18.12
CA PRO A 261 -2.93 -3.12 18.06
C PRO A 261 -1.79 -3.43 17.09
N THR A 262 -1.21 -4.62 17.18
CA THR A 262 -0.25 -5.08 16.18
C THR A 262 -0.93 -5.48 14.87
N PHE A 263 -0.13 -5.72 13.84
CA PHE A 263 -0.68 -6.16 12.57
C PHE A 263 -0.99 -7.65 12.57
N ASP A 264 -0.28 -8.39 13.41
CA ASP A 264 -0.57 -9.81 13.58
C ASP A 264 -1.90 -10.02 14.31
N TYR A 265 -2.20 -9.15 15.27
CA TYR A 265 -3.48 -9.20 15.96
C TYR A 265 -4.61 -8.91 14.99
N LEU A 266 -4.44 -7.88 14.17
CA LEU A 266 -5.45 -7.44 13.20
C LEU A 266 -5.76 -8.53 12.16
N ARG A 267 -4.73 -9.21 11.70
CA ARG A 267 -4.92 -10.35 10.81
C ARG A 267 -5.79 -11.39 11.50
N SER A 268 -5.34 -11.86 12.64
CA SER A 268 -6.05 -12.92 13.35
C SER A 268 -7.50 -12.53 13.61
N VAL A 269 -7.72 -11.29 14.03
CA VAL A 269 -9.08 -10.82 14.28
C VAL A 269 -9.90 -10.84 12.99
N LEU A 270 -9.32 -10.31 11.92
CA LEU A 270 -10.03 -10.27 10.64
C LEU A 270 -10.31 -11.67 10.06
N GLU A 271 -9.48 -12.64 10.42
CA GLU A 271 -9.73 -14.02 9.99
C GLU A 271 -10.89 -14.66 10.74
N ASP A 272 -11.08 -14.26 11.99
CA ASP A 272 -12.25 -14.68 12.77
C ASP A 272 -13.53 -14.06 12.22
N PHE A 273 -13.50 -12.76 11.92
CA PHE A 273 -14.66 -12.11 11.30
C PHE A 273 -15.04 -12.81 10.00
N PHE A 274 -14.03 -13.12 9.19
CA PHE A 274 -14.23 -13.71 7.87
C PHE A 274 -14.88 -15.10 7.91
N THR A 275 -14.31 -16.00 8.70
CA THR A 275 -14.80 -17.38 8.78
C THR A 275 -16.17 -17.46 9.45
N ALA A 276 -16.49 -16.44 10.24
CA ALA A 276 -17.74 -16.43 10.99
C ALA A 276 -18.90 -15.90 10.15
N THR A 277 -18.70 -15.85 8.84
CA THR A 277 -19.69 -15.30 7.92
C THR A 277 -19.70 -16.02 6.56
N GLU A 278 -19.47 -15.26 5.49
#